data_8T3N
#
_entry.id   8T3N
#
_entity_poly.entity_id   1
_entity_poly.type   'polypeptide(L)'
_entity_poly.pdbx_seq_one_letter_code
;IINVKTSLKTIIKNALDKIQ(NH2)
;
_entity_poly.pdbx_strand_id   A
#
# COMPACT_ATOMS: atom_id res chain seq x y z
N ILE A 1 -7.95 -7.34 15.92
CA ILE A 1 -7.56 -6.17 15.09
C ILE A 1 -6.89 -6.64 13.81
N ILE A 2 -7.29 -6.06 12.68
CA ILE A 2 -6.72 -6.40 11.42
C ILE A 2 -6.12 -5.15 10.78
N ASN A 3 -4.82 -5.22 10.56
CA ASN A 3 -4.04 -4.10 10.07
C ASN A 3 -4.12 -3.99 8.54
N VAL A 4 -5.21 -4.51 8.00
CA VAL A 4 -5.47 -4.51 6.59
C VAL A 4 -5.29 -3.12 5.97
N LYS A 5 -5.72 -2.10 6.71
CA LYS A 5 -5.65 -0.72 6.24
C LYS A 5 -4.24 -0.37 5.75
N THR A 6 -3.24 -0.68 6.58
CA THR A 6 -1.86 -0.40 6.25
C THR A 6 -1.39 -1.22 5.05
N SER A 7 -1.92 -2.43 4.92
CA SER A 7 -1.60 -3.28 3.79
C SER A 7 -2.16 -2.68 2.50
N LEU A 8 -3.26 -1.96 2.63
CA LEU A 8 -3.89 -1.29 1.49
C LEU A 8 -3.05 -0.10 1.09
N LYS A 9 -2.46 0.54 2.08
CA LYS A 9 -1.53 1.63 1.83
C LYS A 9 -0.25 1.09 1.20
N THR A 10 0.03 -0.18 1.45
CA THR A 10 1.17 -0.85 0.86
C THR A 10 0.94 -1.04 -0.63
N ILE A 11 -0.33 -1.20 -1.00
CA ILE A 11 -0.73 -1.32 -2.40
C ILE A 11 -0.57 0.03 -3.07
N ILE A 12 -0.90 1.09 -2.34
CA ILE A 12 -0.71 2.44 -2.82
C ILE A 12 0.79 2.71 -3.01
N LYS A 13 1.59 2.23 -2.06
CA LYS A 13 3.04 2.41 -2.14
C LYS A 13 3.62 1.62 -3.30
N ASN A 14 3.19 0.37 -3.43
CA ASN A 14 3.65 -0.49 -4.52
C ASN A 14 3.22 0.09 -5.87
N ALA A 15 2.05 0.72 -5.88
CA ALA A 15 1.53 1.36 -7.07
C ALA A 15 2.33 2.61 -7.42
N LEU A 16 2.64 3.40 -6.41
CA LEU A 16 3.42 4.62 -6.58
C LEU A 16 4.86 4.30 -7.02
N ASP A 17 5.42 3.24 -6.43
CA ASP A 17 6.80 2.85 -6.71
C ASP A 17 6.99 2.51 -8.18
N LYS A 18 5.91 2.08 -8.83
CA LYS A 18 5.95 1.76 -10.25
C LYS A 18 6.18 3.01 -11.09
N ILE A 19 5.72 4.15 -10.58
CA ILE A 19 5.86 5.42 -11.27
C ILE A 19 7.17 6.09 -10.88
N GLN A 20 7.52 6.00 -9.61
CA GLN A 20 8.75 6.60 -9.11
C GLN A 20 9.89 5.60 -9.13
N ILE A 1 -12.06 -3.63 13.10
CA ILE A 1 -11.08 -2.93 12.23
C ILE A 1 -9.72 -3.61 12.35
N ILE A 2 -9.21 -4.13 11.25
CA ILE A 2 -7.98 -4.85 11.23
C ILE A 2 -6.93 -4.05 10.45
N ASN A 3 -5.83 -4.70 10.19
CA ASN A 3 -4.66 -4.06 9.58
C ASN A 3 -4.74 -4.06 8.07
N VAL A 4 -5.96 -4.13 7.56
CA VAL A 4 -6.22 -4.07 6.14
C VAL A 4 -5.63 -2.80 5.55
N LYS A 5 -5.79 -1.68 6.26
CA LYS A 5 -5.26 -0.40 5.81
C LYS A 5 -3.75 -0.48 5.64
N THR A 6 -3.09 -1.00 6.67
CA THR A 6 -1.64 -1.14 6.67
C THR A 6 -1.17 -2.00 5.49
N SER A 7 -1.94 -3.02 5.17
CA SER A 7 -1.62 -3.90 4.05
C SER A 7 -1.83 -3.16 2.73
N LEU A 8 -2.95 -2.44 2.61
CA LEU A 8 -3.26 -1.72 1.38
C LEU A 8 -2.26 -0.61 1.14
N LYS A 9 -1.75 -0.08 2.24
CA LYS A 9 -0.70 0.93 2.19
C LYS A 9 0.55 0.38 1.52
N THR A 10 0.72 -0.94 1.61
CA THR A 10 1.83 -1.62 0.98
C THR A 10 1.62 -1.66 -0.55
N ILE A 11 0.36 -1.76 -0.95
CA ILE A 11 -0.01 -1.79 -2.35
C ILE A 11 0.13 -0.39 -2.93
N ILE A 12 -0.36 0.60 -2.20
CA ILE A 12 -0.21 1.99 -2.61
C ILE A 12 1.27 2.35 -2.72
N LYS A 13 2.06 1.88 -1.75
CA LYS A 13 3.50 2.11 -1.74
C LYS A 13 4.14 1.53 -3.01
N ASN A 14 3.80 0.29 -3.29
CA ASN A 14 4.32 -0.42 -4.46
C ASN A 14 3.81 0.23 -5.75
N ALA A 15 2.55 0.66 -5.73
CA ALA A 15 1.93 1.28 -6.89
C ALA A 15 2.58 2.61 -7.20
N LEU A 16 2.84 3.41 -6.18
CA LEU A 16 3.53 4.70 -6.35
C LEU A 16 4.97 4.47 -6.80
N ASP A 17 5.54 3.34 -6.38
CA ASP A 17 6.89 2.96 -6.78
C ASP A 17 6.95 2.66 -8.27
N LYS A 18 5.81 2.30 -8.84
CA LYS A 18 5.71 2.05 -10.27
C LYS A 18 5.35 3.33 -11.03
N ILE A 19 4.76 4.28 -10.31
CA ILE A 19 4.37 5.54 -10.89
C ILE A 19 5.56 6.48 -11.00
N GLN A 20 6.16 6.80 -9.86
CA GLN A 20 7.33 7.68 -9.80
C GLN A 20 7.05 9.01 -10.49
N ILE A 1 -9.45 -5.46 15.91
CA ILE A 1 -8.98 -4.64 14.77
C ILE A 1 -8.31 -5.53 13.73
N ILE A 2 -8.34 -5.09 12.48
CA ILE A 2 -7.73 -5.79 11.41
C ILE A 2 -6.57 -4.97 10.86
N ASN A 3 -5.38 -5.51 10.99
CA ASN A 3 -4.16 -4.83 10.56
C ASN A 3 -4.01 -4.90 9.03
N VAL A 4 -5.14 -5.06 8.37
CA VAL A 4 -5.21 -5.16 6.94
C VAL A 4 -4.84 -3.84 6.25
N LYS A 5 -5.12 -2.72 6.93
CA LYS A 5 -4.94 -1.39 6.34
C LYS A 5 -3.51 -1.18 5.84
N THR A 6 -2.54 -1.76 6.55
CA THR A 6 -1.15 -1.64 6.17
C THR A 6 -0.91 -2.16 4.76
N SER A 7 -1.57 -3.25 4.42
CA SER A 7 -1.40 -3.87 3.11
C SER A 7 -1.86 -2.92 2.00
N LEU A 8 -2.99 -2.25 2.22
CA LEU A 8 -3.52 -1.30 1.26
C LEU A 8 -2.63 -0.08 1.16
N LYS A 9 -2.06 0.32 2.29
CA LYS A 9 -1.07 1.38 2.29
C LYS A 9 0.15 0.94 1.48
N THR A 10 0.43 -0.36 1.53
CA THR A 10 1.55 -0.92 0.80
C THR A 10 1.25 -0.93 -0.70
N ILE A 11 -0.03 -1.03 -1.02
CA ILE A 11 -0.48 -1.00 -2.41
C ILE A 11 -0.30 0.40 -2.97
N ILE A 12 -0.66 1.40 -2.17
CA ILE A 12 -0.45 2.78 -2.55
C ILE A 12 1.04 3.06 -2.69
N LYS A 13 1.82 2.50 -1.77
CA LYS A 13 3.28 2.63 -1.81
C LYS A 13 3.84 1.97 -3.07
N ASN A 14 3.40 0.74 -3.31
CA ASN A 14 3.81 -0.03 -4.47
C ASN A 14 3.38 0.65 -5.76
N ALA A 15 2.17 1.18 -5.76
CA ALA A 15 1.63 1.87 -6.92
C ALA A 15 2.49 3.08 -7.29
N LEU A 16 2.80 3.91 -6.31
CA LEU A 16 3.66 5.08 -6.52
C LEU A 16 5.06 4.64 -6.91
N ASP A 17 5.50 3.53 -6.33
CA ASP A 17 6.80 2.95 -6.63
C ASP A 17 6.89 2.56 -8.11
N LYS A 18 5.78 2.07 -8.64
CA LYS A 18 5.71 1.68 -10.04
C LYS A 18 5.71 2.91 -10.95
N ILE A 19 5.00 3.94 -10.52
CA ILE A 19 4.87 5.15 -11.29
C ILE A 19 6.21 5.88 -11.39
N GLN A 20 6.91 5.97 -10.27
CA GLN A 20 8.20 6.64 -10.23
C GLN A 20 9.31 5.68 -10.65
N ILE A 1 -8.70 -8.56 15.51
CA ILE A 1 -8.11 -7.28 15.10
C ILE A 1 -7.53 -7.40 13.68
N ILE A 2 -7.99 -6.56 12.79
CA ILE A 2 -7.50 -6.52 11.45
C ILE A 2 -6.67 -5.27 11.24
N ASN A 3 -5.43 -5.49 10.94
CA ASN A 3 -4.50 -4.41 10.65
C ASN A 3 -4.36 -4.25 9.15
N VAL A 4 -5.37 -4.73 8.44
CA VAL A 4 -5.44 -4.71 7.00
C VAL A 4 -5.24 -3.30 6.44
N LYS A 5 -5.69 -2.29 7.19
CA LYS A 5 -5.59 -0.90 6.77
C LYS A 5 -4.19 -0.53 6.26
N THR A 6 -3.18 -1.19 6.80
CA THR A 6 -1.80 -0.97 6.40
C THR A 6 -1.61 -1.21 4.91
N SER A 7 -2.15 -2.34 4.44
CA SER A 7 -1.93 -2.81 3.08
C SER A 7 -2.36 -1.78 2.04
N LEU A 8 -3.41 -1.02 2.33
CA LEU A 8 -3.92 -0.02 1.42
C LEU A 8 -2.85 1.00 1.07
N LYS A 9 -2.15 1.49 2.09
CA LYS A 9 -1.06 2.42 1.86
C LYS A 9 0.13 1.70 1.24
N THR A 10 0.26 0.42 1.55
CA THR A 10 1.37 -0.37 1.03
C THR A 10 1.18 -0.63 -0.47
N ILE A 11 -0.07 -0.68 -0.89
CA ILE A 11 -0.41 -0.87 -2.29
C ILE A 11 -0.11 0.40 -3.06
N ILE A 12 -0.45 1.53 -2.47
CA ILE A 12 -0.13 2.83 -3.05
C ILE A 12 1.37 2.97 -3.20
N LYS A 13 2.10 2.57 -2.16
CA LYS A 13 3.55 2.65 -2.17
C LYS A 13 4.14 1.70 -3.20
N ASN A 14 3.57 0.49 -3.26
CA ASN A 14 3.99 -0.51 -4.22
C ASN A 14 3.69 -0.06 -5.65
N ALA A 15 2.54 0.56 -5.84
CA ALA A 15 2.09 0.99 -7.15
C ALA A 15 2.91 2.18 -7.65
N LEU A 16 3.18 3.12 -6.76
CA LEU A 16 3.95 4.31 -7.12
C LEU A 16 5.43 3.96 -7.34
N ASP A 17 5.89 2.93 -6.65
CA ASP A 17 7.28 2.50 -6.78
C ASP A 17 7.54 1.95 -8.17
N LYS A 18 6.48 1.49 -8.83
CA LYS A 18 6.57 0.97 -10.19
C LYS A 18 6.82 2.10 -11.17
N ILE A 19 6.59 3.32 -10.73
CA ILE A 19 6.82 4.49 -11.55
C ILE A 19 8.32 4.85 -11.53
N GLN A 20 8.98 4.39 -10.47
CA GLN A 20 10.42 4.55 -10.31
C GLN A 20 10.81 6.02 -10.22
N ILE A 1 -8.34 -6.53 15.61
CA ILE A 1 -7.77 -5.56 14.66
C ILE A 1 -6.81 -6.26 13.69
N ILE A 2 -6.93 -5.96 12.41
CA ILE A 2 -6.09 -6.52 11.41
C ILE A 2 -5.35 -5.42 10.67
N ASN A 3 -4.55 -5.85 9.73
CA ASN A 3 -3.62 -4.95 9.04
C ASN A 3 -4.13 -4.54 7.68
N VAL A 4 -5.44 -4.57 7.51
CA VAL A 4 -6.09 -4.23 6.26
C VAL A 4 -5.72 -2.82 5.80
N LYS A 5 -5.88 -1.82 6.67
CA LYS A 5 -5.61 -0.43 6.31
C LYS A 5 -4.16 -0.26 5.89
N THR A 6 -3.25 -0.81 6.68
CA THR A 6 -1.83 -0.72 6.38
C THR A 6 -1.49 -1.47 5.10
N SER A 7 -2.19 -2.57 4.89
CA SER A 7 -2.04 -3.37 3.68
C SER A 7 -2.37 -2.53 2.45
N LEU A 8 -3.46 -1.77 2.52
CA LEU A 8 -3.87 -0.91 1.40
C LEU A 8 -2.84 0.18 1.18
N LYS A 9 -2.32 0.68 2.28
CA LYS A 9 -1.26 1.68 2.25
C LYS A 9 0.00 1.10 1.61
N THR A 10 0.16 -0.21 1.69
CA THR A 10 1.30 -0.89 1.12
C THR A 10 1.11 -1.02 -0.40
N ILE A 11 -0.15 -1.12 -0.80
CA ILE A 11 -0.50 -1.25 -2.21
C ILE A 11 -0.33 0.09 -2.89
N ILE A 12 -0.79 1.15 -2.23
CA ILE A 12 -0.60 2.50 -2.72
C ILE A 12 0.89 2.80 -2.85
N LYS A 13 1.64 2.43 -1.81
CA LYS A 13 3.08 2.66 -1.78
C LYS A 13 3.77 1.93 -2.93
N ASN A 14 3.35 0.70 -3.19
CA ASN A 14 3.92 -0.11 -4.26
C ASN A 14 3.46 0.41 -5.61
N ALA A 15 2.20 0.80 -5.69
CA ALA A 15 1.62 1.32 -6.91
C ALA A 15 2.32 2.61 -7.34
N LEU A 16 2.73 3.41 -6.37
CA LEU A 16 3.47 4.63 -6.65
C LEU A 16 4.93 4.31 -6.96
N ASP A 17 5.45 3.28 -6.33
CA ASP A 17 6.83 2.83 -6.58
C ASP A 17 7.00 2.38 -8.03
N LYS A 18 5.93 1.83 -8.59
CA LYS A 18 5.92 1.38 -9.98
C LYS A 18 5.88 2.57 -10.94
N ILE A 19 5.43 3.72 -10.45
CA ILE A 19 5.35 4.91 -11.26
C ILE A 19 6.59 5.78 -11.04
N GLN A 20 7.04 5.84 -9.80
CA GLN A 20 8.23 6.62 -9.44
C GLN A 20 9.42 5.70 -9.29
N ILE A 1 -9.83 -2.92 14.75
CA ILE A 1 -8.92 -2.43 13.70
C ILE A 1 -7.89 -3.51 13.37
N ILE A 2 -7.74 -3.80 12.08
CA ILE A 2 -6.83 -4.80 11.63
C ILE A 2 -5.82 -4.17 10.70
N ASN A 3 -4.93 -5.00 10.20
CA ASN A 3 -3.83 -4.55 9.36
C ASN A 3 -4.20 -4.63 7.89
N VAL A 4 -5.48 -4.56 7.62
CA VAL A 4 -5.97 -4.43 6.28
C VAL A 4 -5.53 -3.08 5.71
N LYS A 5 -5.63 -2.04 6.53
CA LYS A 5 -5.28 -0.69 6.12
C LYS A 5 -3.82 -0.58 5.75
N THR A 6 -2.94 -1.13 6.58
CA THR A 6 -1.52 -1.12 6.28
C THR A 6 -1.23 -1.85 4.98
N SER A 7 -1.92 -2.96 4.78
CA SER A 7 -1.79 -3.75 3.56
C SER A 7 -2.22 -2.96 2.34
N LEU A 8 -3.37 -2.29 2.44
CA LEU A 8 -3.91 -1.51 1.33
C LEU A 8 -3.02 -0.34 1.02
N LYS A 9 -2.46 0.25 2.06
CA LYS A 9 -1.50 1.33 1.89
C LYS A 9 -0.22 0.83 1.26
N THR A 10 0.07 -0.46 1.45
CA THR A 10 1.24 -1.08 0.87
C THR A 10 1.04 -1.22 -0.65
N ILE A 11 -0.23 -1.30 -1.05
CA ILE A 11 -0.59 -1.36 -2.46
C ILE A 11 -0.35 0.01 -3.09
N ILE A 12 -0.76 1.05 -2.38
CA ILE A 12 -0.51 2.41 -2.81
C ILE A 12 0.99 2.67 -2.89
N LYS A 13 1.72 2.16 -1.89
CA LYS A 13 3.17 2.29 -1.86
C LYS A 13 3.78 1.58 -3.07
N ASN A 14 3.37 0.34 -3.28
CA ASN A 14 3.85 -0.45 -4.41
C ASN A 14 3.48 0.22 -5.74
N ALA A 15 2.25 0.68 -5.82
CA ALA A 15 1.74 1.34 -7.02
C ALA A 15 2.53 2.61 -7.32
N LEU A 16 2.71 3.44 -6.31
CA LEU A 16 3.47 4.68 -6.46
C LEU A 16 4.95 4.40 -6.69
N ASP A 17 5.43 3.28 -6.17
CA ASP A 17 6.82 2.90 -6.32
C ASP A 17 7.15 2.63 -7.78
N LYS A 18 6.19 2.07 -8.49
CA LYS A 18 6.35 1.77 -9.91
C LYS A 18 6.22 3.03 -10.74
N ILE A 19 5.36 3.94 -10.31
CA ILE A 19 5.13 5.18 -11.01
C ILE A 19 6.27 6.16 -10.79
N GLN A 20 6.76 6.22 -9.55
CA GLN A 20 7.81 7.14 -9.18
C GLN A 20 9.09 6.38 -8.83
N ILE A 1 -7.91 -7.06 15.52
CA ILE A 1 -7.30 -5.97 14.73
C ILE A 1 -7.19 -6.37 13.27
N ILE A 2 -7.42 -5.43 12.37
CA ILE A 2 -7.35 -5.69 10.96
C ILE A 2 -6.32 -4.78 10.31
N ASN A 3 -5.34 -5.41 9.71
CA ASN A 3 -4.25 -4.69 9.06
C ASN A 3 -4.60 -4.32 7.64
N VAL A 4 -5.90 -4.23 7.37
CA VAL A 4 -6.40 -3.82 6.10
C VAL A 4 -5.80 -2.47 5.69
N LYS A 5 -5.85 -1.51 6.61
CA LYS A 5 -5.23 -0.20 6.41
C LYS A 5 -3.77 -0.36 5.99
N THR A 6 -2.99 -1.01 6.84
CA THR A 6 -1.57 -1.22 6.60
C THR A 6 -1.32 -1.93 5.27
N SER A 7 -2.17 -2.90 4.95
CA SER A 7 -2.05 -3.65 3.71
C SER A 7 -2.22 -2.73 2.51
N LEU A 8 -3.28 -1.93 2.52
CA LEU A 8 -3.59 -1.05 1.39
C LEU A 8 -2.51 0.00 1.24
N LYS A 9 -2.01 0.48 2.37
CA LYS A 9 -0.92 1.45 2.37
C LYS A 9 0.32 0.84 1.73
N THR A 10 0.49 -0.47 1.88
CA THR A 10 1.63 -1.15 1.34
C THR A 10 1.49 -1.31 -0.17
N ILE A 11 0.24 -1.40 -0.62
CA ILE A 11 -0.07 -1.58 -2.03
C ILE A 11 0.01 -0.24 -2.74
N ILE A 12 -0.55 0.79 -2.13
CA ILE A 12 -0.47 2.13 -2.68
C ILE A 12 0.99 2.56 -2.83
N LYS A 13 1.78 2.33 -1.78
CA LYS A 13 3.19 2.72 -1.82
C LYS A 13 3.97 1.89 -2.84
N ASN A 14 3.60 0.61 -2.95
CA ASN A 14 4.22 -0.27 -3.95
C ASN A 14 3.85 0.19 -5.36
N ALA A 15 2.59 0.57 -5.52
CA ALA A 15 2.07 1.00 -6.80
C ALA A 15 2.64 2.36 -7.20
N LEU A 16 2.77 3.26 -6.23
CA LEU A 16 3.35 4.58 -6.47
C LEU A 16 4.78 4.47 -6.96
N ASP A 17 5.51 3.52 -6.39
CA ASP A 17 6.90 3.27 -6.79
C ASP A 17 6.99 2.89 -8.27
N LYS A 18 5.98 2.17 -8.74
CA LYS A 18 5.93 1.76 -10.14
C LYS A 18 5.55 2.94 -11.03
N ILE A 19 4.87 3.93 -10.44
CA ILE A 19 4.54 5.14 -11.14
C ILE A 19 5.77 6.03 -11.24
N GLN A 20 6.56 6.04 -10.18
CA GLN A 20 7.81 6.80 -10.12
C GLN A 20 8.83 6.21 -11.10
N ILE A 1 -11.76 -5.14 14.16
CA ILE A 1 -11.34 -4.71 12.80
C ILE A 1 -10.19 -5.59 12.31
N ILE A 2 -9.83 -5.41 11.05
CA ILE A 2 -8.72 -6.09 10.46
C ILE A 2 -7.71 -5.08 9.98
N ASN A 3 -6.52 -5.18 10.53
CA ASN A 3 -5.44 -4.21 10.28
C ASN A 3 -4.84 -4.36 8.89
N VAL A 4 -5.64 -4.89 7.98
CA VAL A 4 -5.29 -4.99 6.59
C VAL A 4 -5.05 -3.61 5.98
N LYS A 5 -5.58 -2.57 6.64
CA LYS A 5 -5.46 -1.20 6.17
C LYS A 5 -4.00 -0.80 5.95
N THR A 6 -3.13 -1.23 6.86
CA THR A 6 -1.70 -0.96 6.73
C THR A 6 -1.14 -1.59 5.46
N SER A 7 -1.61 -2.78 5.17
CA SER A 7 -1.21 -3.50 3.97
C SER A 7 -1.68 -2.76 2.72
N LEU A 8 -2.83 -2.10 2.83
CA LEU A 8 -3.39 -1.35 1.70
C LEU A 8 -2.56 -0.10 1.45
N LYS A 9 -1.92 0.38 2.49
CA LYS A 9 -1.01 1.51 2.39
C LYS A 9 0.26 1.09 1.67
N THR A 10 0.59 -0.20 1.79
CA THR A 10 1.75 -0.76 1.14
C THR A 10 1.50 -0.91 -0.36
N ILE A 11 0.22 -1.01 -0.71
CA ILE A 11 -0.19 -1.06 -2.10
C ILE A 11 0.03 0.30 -2.73
N ILE A 12 -0.23 1.34 -1.95
CA ILE A 12 0.05 2.71 -2.39
C ILE A 12 1.54 2.88 -2.60
N LYS A 13 2.33 2.32 -1.67
CA LYS A 13 3.79 2.40 -1.77
C LYS A 13 4.27 1.69 -3.02
N ASN A 14 3.81 0.47 -3.21
CA ASN A 14 4.17 -0.32 -4.39
C ASN A 14 3.68 0.35 -5.66
N ALA A 15 2.50 0.96 -5.58
CA ALA A 15 1.91 1.64 -6.73
C ALA A 15 2.71 2.85 -7.15
N LEU A 16 3.10 3.68 -6.18
CA LEU A 16 3.89 4.89 -6.46
C LEU A 16 5.23 4.53 -7.08
N ASP A 17 5.77 3.39 -6.69
CA ASP A 17 7.02 2.89 -7.27
C ASP A 17 6.83 2.60 -8.75
N LYS A 18 5.65 2.11 -9.10
CA LYS A 18 5.30 1.83 -10.49
C LYS A 18 5.04 3.13 -11.24
N ILE A 19 4.58 4.15 -10.51
CA ILE A 19 4.36 5.47 -11.10
C ILE A 19 5.71 6.10 -11.48
N GLN A 20 6.70 5.92 -10.63
CA GLN A 20 8.04 6.41 -10.89
C GLN A 20 8.80 5.43 -11.77
N ILE A 1 -8.32 -6.69 15.49
CA ILE A 1 -7.39 -5.73 14.86
C ILE A 1 -7.20 -6.06 13.38
N ILE A 2 -7.53 -5.10 12.52
CA ILE A 2 -7.43 -5.28 11.10
C ILE A 2 -6.37 -4.38 10.52
N ASN A 3 -5.34 -5.00 10.00
CA ASN A 3 -4.24 -4.27 9.38
C ASN A 3 -4.44 -4.23 7.88
N VAL A 4 -5.69 -4.35 7.48
CA VAL A 4 -6.08 -4.25 6.10
C VAL A 4 -5.62 -2.93 5.50
N LYS A 5 -5.93 -1.83 6.18
CA LYS A 5 -5.51 -0.51 5.71
C LYS A 5 -3.99 -0.44 5.55
N THR A 6 -3.27 -1.02 6.50
CA THR A 6 -1.82 -1.07 6.46
C THR A 6 -1.35 -1.85 5.22
N SER A 7 -2.05 -2.93 4.95
CA SER A 7 -1.79 -3.76 3.79
C SER A 7 -2.04 -2.98 2.50
N LEU A 8 -3.11 -2.19 2.49
CA LEU A 8 -3.46 -1.38 1.32
C LEU A 8 -2.44 -0.27 1.15
N LYS A 9 -1.96 0.24 2.26
CA LYS A 9 -0.91 1.24 2.25
C LYS A 9 0.36 0.69 1.61
N THR A 10 0.54 -0.63 1.71
CA THR A 10 1.68 -1.28 1.10
C THR A 10 1.47 -1.42 -0.41
N ILE A 11 0.21 -1.53 -0.81
CA ILE A 11 -0.15 -1.56 -2.22
C ILE A 11 0.04 -0.18 -2.81
N ILE A 12 -0.45 0.83 -2.10
CA ILE A 12 -0.25 2.21 -2.49
C ILE A 12 1.23 2.54 -2.59
N LYS A 13 2.00 2.03 -1.62
CA LYS A 13 3.43 2.22 -1.61
C LYS A 13 4.08 1.67 -2.87
N ASN A 14 3.77 0.41 -3.18
CA ASN A 14 4.33 -0.26 -4.34
C ASN A 14 3.76 0.35 -5.62
N ALA A 15 2.54 0.83 -5.56
CA ALA A 15 1.88 1.47 -6.69
C ALA A 15 2.60 2.77 -7.05
N LEU A 16 2.88 3.59 -6.05
CA LEU A 16 3.64 4.82 -6.25
C LEU A 16 5.06 4.49 -6.70
N ASP A 17 5.56 3.36 -6.24
CA ASP A 17 6.88 2.88 -6.64
C ASP A 17 6.88 2.55 -8.14
N LYS A 18 5.74 2.10 -8.64
CA LYS A 18 5.59 1.80 -10.05
C LYS A 18 5.36 3.07 -10.87
N ILE A 19 4.67 4.03 -10.26
CA ILE A 19 4.36 5.29 -10.93
C ILE A 19 5.62 6.14 -11.11
N GLN A 20 6.43 6.25 -10.05
CA GLN A 20 7.66 7.01 -10.11
C GLN A 20 8.76 6.29 -9.34
#